data_7B0W
#
_entry.id   7B0W
#
_cell.length_a   166.220
_cell.length_b   166.220
_cell.length_c   51.440
_cell.angle_alpha   90.000
_cell.angle_beta   90.000
_cell.angle_gamma   120.000
#
_symmetry.space_group_name_H-M   'P 31 2 1'
#
loop_
_entity.id
_entity.type
_entity.pdbx_description
1 polymer 'Chaperone protein FimC'
2 polymer 'Fimbrin-like protein FimI'
3 non-polymer 1,2-ETHANEDIOL
4 non-polymer 'FORMIC ACID'
5 water water
#
loop_
_entity_poly.entity_id
_entity_poly.type
_entity_poly.pdbx_seq_one_letter_code
_entity_poly.pdbx_strand_id
1 'polypeptide(L)'
;GVALGATRVIYPAGQKQEQLAVTNNDENSTYLIQSWVENADGVKDGRFIVTPPLFAMKGKKENTLRILDATNNQLPQDRE
SLFWMNVKAIPSMDKSKLTENTLQLAIISRIKLYYRPAKLALPPDQAAEKLRFRRSANSLTLINPTPYYLTVTELNAGTR
VLENALVPPMGESTVKLPSDAGSNITYRTINDYGALTPKMTGVMEHHHHHH
;
C
2 'polypeptide(L)'
;AETCRIEAGDKQMTVNMGQISSNRFHAVGEDSAPVPFVIHLRECSTVVSERVGVAFHGVADGKNPDVLSVGEGPGIATNI
GVALFDDEGNLVPINRPPANWKRLYSGSTSLHFIAKYRATGRRVTGGIANAQAWFSLTYQ
;
I
#
# COMPACT_ATOMS: atom_id res chain seq x y z
N GLY A 1 16.83 -1.21 -5.52
CA GLY A 1 15.40 -0.95 -5.42
C GLY A 1 15.13 0.44 -4.86
N VAL A 2 13.87 0.88 -4.95
CA VAL A 2 13.50 2.26 -4.64
C VAL A 2 12.84 2.32 -3.27
N ALA A 3 13.22 3.32 -2.48
CA ALA A 3 12.58 3.62 -1.21
C ALA A 3 12.27 5.11 -1.15
N LEU A 4 11.36 5.47 -0.25
CA LEU A 4 11.02 6.86 0.04
C LEU A 4 11.62 7.26 1.37
N GLY A 5 11.92 8.56 1.52
CA GLY A 5 12.58 9.05 2.71
C GLY A 5 11.72 9.12 3.95
N ALA A 6 10.42 8.89 3.83
CA ALA A 6 9.52 8.98 4.97
C ALA A 6 8.31 8.09 4.73
N THR A 7 7.67 7.67 5.83
CA THR A 7 6.43 6.88 5.72
C THR A 7 5.18 7.73 5.82
N ARG A 8 5.30 9.04 5.98
CA ARG A 8 4.19 9.99 5.87
C ARG A 8 4.78 11.35 5.54
N VAL A 9 3.92 12.23 5.04
CA VAL A 9 4.28 13.61 4.78
C VAL A 9 3.32 14.49 5.55
N ILE A 10 3.85 15.37 6.39
CA ILE A 10 3.06 16.38 7.06
C ILE A 10 3.20 17.63 6.20
N TYR A 11 2.10 18.08 5.60
CA TYR A 11 2.14 19.25 4.73
C TYR A 11 1.74 20.48 5.53
N PRO A 12 2.66 21.39 5.85
CA PRO A 12 2.28 22.56 6.66
C PRO A 12 1.55 23.58 5.80
N ALA A 13 0.30 23.88 6.15
CA ALA A 13 -0.46 24.90 5.43
C ALA A 13 0.35 26.18 5.31
N GLY A 14 0.31 26.78 4.12
CA GLY A 14 1.03 28.00 3.88
C GLY A 14 2.37 27.82 3.20
N GLN A 15 2.96 26.63 3.27
CA GLN A 15 4.17 26.35 2.51
C GLN A 15 3.84 26.17 1.05
N LYS A 16 4.69 26.73 0.18
CA LYS A 16 4.48 26.54 -1.26
C LYS A 16 4.71 25.09 -1.67
N GLN A 17 5.68 24.42 -1.07
CA GLN A 17 5.87 23.02 -1.38
C GLN A 17 6.52 22.29 -0.22
N GLU A 18 6.46 20.97 -0.30
N GLU A 18 6.45 20.96 -0.27
CA GLU A 18 7.03 20.05 0.67
CA GLU A 18 7.11 20.10 0.71
C GLU A 18 7.89 19.03 -0.09
C GLU A 18 7.86 19.00 -0.02
N GLN A 19 9.05 18.70 0.47
CA GLN A 19 9.98 17.78 -0.19
C GLN A 19 9.85 16.36 0.36
N LEU A 20 10.09 15.38 -0.52
CA LEU A 20 10.11 13.96 -0.16
C LEU A 20 11.27 13.33 -0.92
N ALA A 21 12.17 12.67 -0.21
CA ALA A 21 13.28 12.01 -0.88
C ALA A 21 12.85 10.69 -1.49
N VAL A 22 13.45 10.36 -2.63
CA VAL A 22 13.31 9.07 -3.27
C VAL A 22 14.71 8.60 -3.66
N THR A 23 15.04 7.36 -3.35
CA THR A 23 16.40 6.88 -3.56
C THR A 23 16.36 5.53 -4.27
N ASN A 24 17.42 5.29 -5.04
CA ASN A 24 17.74 3.97 -5.58
C ASN A 24 19.15 3.63 -5.11
N ASN A 25 19.33 2.44 -4.55
CA ASN A 25 20.63 2.06 -4.01
C ASN A 25 21.42 1.13 -4.92
N ASP A 26 20.92 0.84 -6.12
CA ASP A 26 21.47 -0.20 -6.99
C ASP A 26 22.08 0.44 -8.22
N GLU A 27 23.41 0.33 -8.37
N GLU A 27 23.41 0.32 -8.34
CA GLU A 27 24.05 0.95 -9.52
CA GLU A 27 24.13 0.86 -9.50
C GLU A 27 23.80 0.18 -10.82
C GLU A 27 23.62 0.26 -10.80
N ASN A 28 23.17 -0.99 -10.77
CA ASN A 28 22.86 -1.75 -11.97
C ASN A 28 21.38 -1.72 -12.32
N SER A 29 20.63 -0.76 -11.76
CA SER A 29 19.20 -0.65 -12.00
C SER A 29 18.85 0.76 -12.42
N THR A 30 17.88 0.87 -13.31
CA THR A 30 17.31 2.14 -13.71
C THR A 30 15.78 2.05 -13.58
N TYR A 31 15.18 3.11 -13.05
CA TYR A 31 13.74 3.13 -12.83
C TYR A 31 13.15 4.40 -13.42
N LEU A 32 11.92 4.30 -13.91
CA LEU A 32 11.07 5.47 -14.09
C LEU A 32 10.26 5.67 -12.82
N ILE A 33 10.21 6.91 -12.34
CA ILE A 33 9.53 7.26 -11.10
C ILE A 33 8.35 8.16 -11.45
N GLN A 34 7.14 7.72 -11.13
CA GLN A 34 5.93 8.47 -11.41
C GLN A 34 5.18 8.73 -10.11
N SER A 35 4.80 9.99 -9.86
CA SER A 35 4.24 10.36 -8.56
C SER A 35 2.98 11.20 -8.73
N TRP A 36 2.01 10.98 -7.83
CA TRP A 36 0.76 11.74 -7.86
C TRP A 36 0.11 11.63 -6.48
N VAL A 37 -0.86 12.50 -6.24
CA VAL A 37 -1.60 12.53 -4.98
C VAL A 37 -3.03 12.07 -5.22
N GLU A 38 -3.58 11.31 -4.28
CA GLU A 38 -4.96 10.88 -4.30
C GLU A 38 -5.68 11.43 -3.08
N ASN A 39 -7.01 11.54 -3.15
CA ASN A 39 -7.76 11.90 -1.97
C ASN A 39 -7.89 10.68 -1.07
N ALA A 40 -8.64 10.83 0.03
CA ALA A 40 -8.74 9.74 1.01
C ALA A 40 -9.37 8.48 0.40
N ASP A 41 -10.18 8.64 -0.63
CA ASP A 41 -10.80 7.51 -1.30
C ASP A 41 -9.91 6.89 -2.36
N GLY A 42 -8.68 7.35 -2.51
CA GLY A 42 -7.79 6.81 -3.50
C GLY A 42 -8.00 7.33 -4.91
N VAL A 43 -8.75 8.41 -5.07
CA VAL A 43 -9.01 8.97 -6.39
C VAL A 43 -7.98 10.05 -6.66
N LYS A 44 -7.35 9.99 -7.84
CA LYS A 44 -6.37 10.99 -8.22
C LYS A 44 -6.96 12.37 -8.02
N ASP A 45 -6.19 13.25 -7.38
CA ASP A 45 -6.71 14.53 -6.94
C ASP A 45 -5.71 15.60 -7.32
N GLY A 46 -6.15 16.54 -8.15
CA GLY A 46 -5.28 17.62 -8.59
C GLY A 46 -5.04 18.71 -7.57
N ARG A 47 -5.60 18.61 -6.37
CA ARG A 47 -5.38 19.66 -5.38
C ARG A 47 -3.96 19.67 -4.84
N PHE A 48 -3.15 18.66 -5.15
CA PHE A 48 -1.71 18.67 -4.91
C PHE A 48 -0.99 18.27 -6.18
N ILE A 49 0.07 19.00 -6.52
CA ILE A 49 0.88 18.77 -7.71
C ILE A 49 2.22 18.20 -7.26
N VAL A 50 2.72 17.18 -7.96
CA VAL A 50 4.04 16.62 -7.65
C VAL A 50 4.97 16.89 -8.82
N THR A 51 6.14 17.45 -8.52
CA THR A 51 7.15 17.65 -9.57
C THR A 51 8.47 17.03 -9.16
N PRO A 52 9.19 16.38 -10.09
CA PRO A 52 8.72 16.06 -11.45
C PRO A 52 7.70 14.93 -11.37
N PRO A 53 6.65 15.01 -12.18
CA PRO A 53 5.64 13.94 -12.16
C PRO A 53 6.16 12.63 -12.73
N LEU A 54 7.21 12.67 -13.55
CA LEU A 54 7.75 11.47 -14.18
C LEU A 54 9.21 11.74 -14.52
N PHE A 55 10.12 10.90 -14.03
CA PHE A 55 11.53 11.09 -14.34
C PHE A 55 12.28 9.78 -14.16
N ALA A 56 13.48 9.73 -14.73
CA ALA A 56 14.31 8.53 -14.69
C ALA A 56 15.34 8.63 -13.57
N MET A 57 15.54 7.51 -12.87
CA MET A 57 16.64 7.35 -11.91
C MET A 57 17.54 6.23 -12.44
N LYS A 58 18.72 6.59 -12.94
CA LYS A 58 19.67 5.62 -13.45
C LYS A 58 20.73 5.36 -12.38
N GLY A 59 20.76 4.13 -11.87
CA GLY A 59 21.77 3.77 -10.91
C GLY A 59 21.54 4.35 -9.52
N LYS A 60 22.61 4.37 -8.74
CA LYS A 60 22.55 4.77 -7.33
C LYS A 60 22.44 6.29 -7.23
N LYS A 61 21.31 6.79 -6.71
CA LYS A 61 21.17 8.23 -6.52
C LYS A 61 20.00 8.53 -5.61
N GLU A 62 19.97 9.77 -5.14
CA GLU A 62 18.83 10.32 -4.43
C GLU A 62 18.26 11.47 -5.23
N ASN A 63 16.94 11.56 -5.29
CA ASN A 63 16.24 12.65 -5.92
C ASN A 63 15.22 13.21 -4.96
N THR A 64 14.72 14.40 -5.26
CA THR A 64 13.76 15.08 -4.40
C THR A 64 12.46 15.28 -5.16
N LEU A 65 11.37 14.75 -4.62
CA LEU A 65 10.03 15.05 -5.09
C LEU A 65 9.53 16.29 -4.37
N ARG A 66 8.87 17.18 -5.11
CA ARG A 66 8.27 18.37 -4.51
C ARG A 66 6.77 18.30 -4.65
N ILE A 67 6.07 18.37 -3.51
CA ILE A 67 4.62 18.32 -3.46
C ILE A 67 4.13 19.74 -3.29
N LEU A 68 3.34 20.24 -4.24
CA LEU A 68 2.89 21.61 -4.26
C LEU A 68 1.42 21.71 -3.89
N ASP A 69 1.12 22.55 -2.89
CA ASP A 69 -0.25 22.86 -2.51
C ASP A 69 -0.97 23.58 -3.64
N ALA A 70 -2.07 23.00 -4.11
CA ALA A 70 -2.94 23.64 -5.09
C ALA A 70 -4.39 23.64 -4.62
N THR A 71 -4.60 23.71 -3.31
CA THR A 71 -5.94 23.65 -2.72
C THR A 71 -6.66 24.98 -2.69
N ASN A 72 -5.99 26.08 -3.07
CA ASN A 72 -6.59 27.42 -3.03
C ASN A 72 -7.18 27.73 -1.65
N ASN A 73 -6.53 27.21 -0.61
CA ASN A 73 -6.88 27.47 0.79
C ASN A 73 -8.31 27.01 1.13
N GLN A 74 -8.83 26.02 0.41
CA GLN A 74 -10.20 25.58 0.60
C GLN A 74 -10.35 24.51 1.67
N LEU A 75 -9.26 23.89 2.12
CA LEU A 75 -9.36 22.81 3.09
C LEU A 75 -9.66 23.36 4.48
N PRO A 76 -10.25 22.55 5.35
CA PRO A 76 -10.55 22.98 6.73
C PRO A 76 -9.30 23.53 7.40
N GLN A 77 -9.51 24.52 8.28
CA GLN A 77 -8.42 25.13 9.02
C GLN A 77 -8.36 24.70 10.48
N ASP A 78 -9.27 23.84 10.92
CA ASP A 78 -9.30 23.44 12.32
C ASP A 78 -8.87 21.99 12.52
N ARG A 79 -8.47 21.29 11.46
CA ARG A 79 -8.12 19.88 11.57
C ARG A 79 -7.34 19.46 10.34
N GLU A 80 -6.61 18.37 10.46
CA GLU A 80 -5.91 17.80 9.31
C GLU A 80 -6.89 17.25 8.28
N SER A 81 -6.46 17.27 7.02
CA SER A 81 -7.13 16.56 5.93
C SER A 81 -6.21 15.47 5.40
N LEU A 82 -6.81 14.33 5.02
CA LEU A 82 -6.05 13.14 4.62
C LEU A 82 -6.01 13.01 3.10
N PHE A 83 -4.78 12.94 2.56
CA PHE A 83 -4.52 12.58 1.18
C PHE A 83 -3.52 11.43 1.16
N TRP A 84 -3.28 10.86 -0.02
CA TRP A 84 -2.33 9.78 -0.20
C TRP A 84 -1.30 10.17 -1.26
N MET A 85 -0.03 10.14 -0.87
CA MET A 85 1.06 10.33 -1.80
C MET A 85 1.44 8.98 -2.40
N ASN A 86 1.57 8.94 -3.73
CA ASN A 86 1.82 7.71 -4.47
C ASN A 86 3.09 7.85 -5.28
N VAL A 87 4.00 6.89 -5.15
CA VAL A 87 5.24 6.91 -5.92
C VAL A 87 5.41 5.55 -6.58
N LYS A 88 5.28 5.52 -7.91
CA LYS A 88 5.42 4.30 -8.70
C LYS A 88 6.85 4.19 -9.21
N ALA A 89 7.46 3.01 -9.03
CA ALA A 89 8.77 2.71 -9.58
C ALA A 89 8.61 1.67 -10.68
N ILE A 90 8.95 2.06 -11.90
CA ILE A 90 8.80 1.20 -13.08
C ILE A 90 10.20 0.72 -13.47
N PRO A 91 10.49 -0.58 -13.35
CA PRO A 91 11.80 -1.08 -13.79
C PRO A 91 11.94 -0.83 -15.28
N SER A 92 12.99 -0.08 -15.63
CA SER A 92 13.14 0.46 -16.97
C SER A 92 14.41 -0.03 -17.64
N MET A 93 14.83 -1.25 -17.31
CA MET A 93 16.09 -1.79 -17.80
C MET A 93 15.88 -2.62 -19.05
N ASP A 94 16.92 -2.64 -19.90
CA ASP A 94 16.87 -3.25 -21.22
C ASP A 94 16.88 -4.77 -21.07
N LYS A 95 15.68 -5.32 -20.90
CA LYS A 95 15.50 -6.76 -20.87
C LYS A 95 15.46 -7.29 -22.29
N SER A 96 15.35 -8.61 -22.44
CA SER A 96 15.24 -9.26 -23.74
C SER A 96 13.98 -10.11 -23.76
N LYS A 97 13.21 -9.99 -24.83
CA LYS A 97 11.95 -10.72 -24.94
C LYS A 97 12.21 -12.22 -25.07
N LEU A 98 11.56 -13.00 -24.21
CA LEU A 98 11.70 -14.43 -24.20
C LEU A 98 10.54 -15.08 -24.96
N THR A 99 10.75 -16.35 -25.32
CA THR A 99 9.64 -17.22 -25.69
C THR A 99 8.62 -17.35 -24.56
N GLU A 100 9.02 -17.08 -23.32
CA GLU A 100 8.17 -17.28 -22.17
C GLU A 100 7.08 -16.21 -22.07
N ASN A 101 5.91 -16.60 -21.59
CA ASN A 101 4.93 -15.64 -21.10
C ASN A 101 5.42 -15.04 -19.80
N THR A 102 5.04 -13.79 -19.54
CA THR A 102 5.50 -13.13 -18.33
C THR A 102 4.37 -12.39 -17.64
N LEU A 103 4.47 -12.33 -16.31
CA LEU A 103 3.71 -11.40 -15.49
C LEU A 103 4.67 -10.28 -15.12
N GLN A 104 4.42 -9.08 -15.63
CA GLN A 104 5.30 -7.94 -15.40
C GLN A 104 4.76 -7.11 -14.25
N LEU A 105 5.60 -6.82 -13.28
CA LEU A 105 5.21 -6.03 -12.12
C LEU A 105 5.86 -4.64 -12.15
N ALA A 106 5.16 -3.69 -11.54
CA ALA A 106 5.72 -2.42 -11.11
C ALA A 106 5.24 -2.18 -9.68
N ILE A 107 5.98 -1.36 -8.94
CA ILE A 107 5.74 -1.15 -7.50
C ILE A 107 5.21 0.25 -7.26
N ILE A 108 4.18 0.37 -6.42
CA ILE A 108 3.70 1.67 -5.96
C ILE A 108 3.80 1.70 -4.44
N SER A 109 4.48 2.73 -3.92
CA SER A 109 4.49 2.98 -2.48
C SER A 109 3.51 4.09 -2.18
N ARG A 110 2.66 3.89 -1.18
CA ARG A 110 1.59 4.85 -0.86
C ARG A 110 1.75 5.26 0.59
N ILE A 111 1.89 6.57 0.84
CA ILE A 111 2.07 7.07 2.20
C ILE A 111 1.07 8.19 2.45
N LYS A 112 0.69 8.34 3.71
CA LYS A 112 -0.27 9.38 4.06
C LYS A 112 0.34 10.76 3.87
N LEU A 113 -0.46 11.65 3.27
N LEU A 113 -0.48 11.66 3.33
CA LEU A 113 -0.14 13.07 3.22
CA LEU A 113 -0.14 13.08 3.20
C LEU A 113 -1.18 13.75 4.09
C LEU A 113 -1.16 13.83 4.03
N TYR A 114 -0.73 14.32 5.20
CA TYR A 114 -1.61 15.04 6.10
C TYR A 114 -1.42 16.54 5.85
N TYR A 115 -2.47 17.18 5.33
CA TYR A 115 -2.48 18.63 5.22
C TYR A 115 -2.79 19.21 6.60
N ARG A 116 -1.84 19.95 7.17
CA ARG A 116 -1.94 20.39 8.56
C ARG A 116 -2.10 21.89 8.65
N PRO A 117 -3.26 22.38 9.08
CA PRO A 117 -3.46 23.83 9.22
C PRO A 117 -2.38 24.46 10.09
N ALA A 118 -2.13 25.73 9.84
CA ALA A 118 -1.24 26.49 10.69
C ALA A 118 -1.95 26.84 11.99
N LYS A 119 -1.15 27.16 13.01
CA LYS A 119 -1.66 27.79 14.23
C LYS A 119 -2.64 26.91 15.00
N LEU A 120 -2.53 25.58 14.90
CA LEU A 120 -3.24 24.70 15.81
C LEU A 120 -2.69 24.86 17.23
N ALA A 121 -3.59 24.87 18.23
CA ALA A 121 -3.14 25.19 19.58
C ALA A 121 -2.44 24.01 20.23
N LEU A 122 -3.00 22.81 20.10
CA LEU A 122 -2.43 21.63 20.74
C LEU A 122 -1.21 21.15 19.96
N PRO A 123 -0.07 20.93 20.63
CA PRO A 123 1.11 20.44 19.92
C PRO A 123 0.91 19.02 19.42
N PRO A 124 1.49 18.67 18.27
CA PRO A 124 1.37 17.30 17.77
C PRO A 124 1.86 16.27 18.77
N ASP A 125 2.92 16.56 19.52
CA ASP A 125 3.46 15.53 20.41
C ASP A 125 2.64 15.39 21.70
N GLN A 126 1.51 16.08 21.82
CA GLN A 126 0.58 15.86 22.92
C GLN A 126 -0.75 15.28 22.47
N ALA A 127 -0.87 14.87 21.21
CA ALA A 127 -2.16 14.42 20.70
C ALA A 127 -2.49 12.99 21.13
N ALA A 128 -1.50 12.09 21.12
CA ALA A 128 -1.78 10.67 21.36
C ALA A 128 -2.41 10.43 22.72
N GLU A 129 -2.00 11.20 23.74
CA GLU A 129 -2.52 10.98 25.08
C GLU A 129 -3.96 11.42 25.23
N LYS A 130 -4.52 12.14 24.26
CA LYS A 130 -5.89 12.64 24.35
C LYS A 130 -6.93 11.63 23.88
N LEU A 131 -6.51 10.55 23.24
CA LEU A 131 -7.42 9.50 22.82
C LEU A 131 -8.26 9.00 23.99
N ARG A 132 -9.55 8.77 23.73
CA ARG A 132 -10.45 8.22 24.74
C ARG A 132 -11.20 7.03 24.16
N PHE A 133 -11.81 6.23 25.05
CA PHE A 133 -12.44 4.98 24.63
C PHE A 133 -13.87 4.86 25.15
N ARG A 134 -14.71 4.24 24.32
CA ARG A 134 -16.09 3.93 24.65
C ARG A 134 -16.29 2.46 24.33
N ARG A 135 -16.89 1.72 25.26
CA ARG A 135 -16.87 0.27 25.21
C ARG A 135 -18.29 -0.29 25.32
N SER A 136 -18.63 -1.22 24.44
CA SER A 136 -19.85 -2.00 24.50
C SER A 136 -19.49 -3.47 24.58
N ALA A 137 -20.50 -4.34 24.55
CA ALA A 137 -20.24 -5.77 24.73
C ALA A 137 -19.28 -6.31 23.67
N ASN A 138 -19.46 -5.88 22.42
CA ASN A 138 -18.74 -6.50 21.29
C ASN A 138 -17.91 -5.51 20.50
N SER A 139 -17.77 -4.26 20.94
CA SER A 139 -17.02 -3.30 20.15
C SER A 139 -16.37 -2.25 21.04
N LEU A 140 -15.32 -1.64 20.51
CA LEU A 140 -14.59 -0.58 21.19
C LEU A 140 -14.50 0.60 20.22
N THR A 141 -14.93 1.77 20.67
CA THR A 141 -14.86 2.98 19.85
C THR A 141 -13.77 3.89 20.38
N LEU A 142 -12.93 4.35 19.47
CA LEU A 142 -11.81 5.24 19.77
C LEU A 142 -12.25 6.65 19.45
N ILE A 143 -11.97 7.58 20.36
CA ILE A 143 -12.48 8.96 20.28
C ILE A 143 -11.28 9.87 20.21
N ASN A 144 -11.18 10.66 19.13
CA ASN A 144 -10.02 11.52 18.91
C ASN A 144 -10.49 12.96 18.96
N PRO A 145 -10.31 13.67 20.08
CA PRO A 145 -10.77 15.06 20.17
C PRO A 145 -9.75 16.08 19.66
N THR A 146 -8.67 15.65 19.01
CA THR A 146 -7.59 16.54 18.60
C THR A 146 -7.73 16.88 17.13
N PRO A 147 -7.00 17.89 16.66
CA PRO A 147 -7.03 18.20 15.23
C PRO A 147 -6.17 17.29 14.36
N TYR A 148 -5.55 16.25 14.92
CA TYR A 148 -4.61 15.40 14.19
C TYR A 148 -5.19 14.01 13.99
N TYR A 149 -4.95 13.43 12.80
CA TYR A 149 -5.18 11.98 12.61
C TYR A 149 -4.31 11.20 13.57
N LEU A 150 -4.91 10.22 14.26
CA LEU A 150 -4.18 9.32 15.14
C LEU A 150 -4.13 7.94 14.50
N THR A 151 -2.92 7.46 14.24
CA THR A 151 -2.68 6.10 13.74
C THR A 151 -2.44 5.25 14.97
N VAL A 152 -3.47 4.52 15.42
CA VAL A 152 -3.42 3.79 16.69
C VAL A 152 -3.04 2.35 16.38
N THR A 153 -2.07 1.82 17.12
CA THR A 153 -1.52 0.50 16.84
C THR A 153 -1.13 -0.13 18.17
N GLU A 154 -0.81 -1.42 18.10
CA GLU A 154 -0.58 -2.23 19.31
C GLU A 154 -1.67 -1.94 20.34
N LEU A 155 -2.90 -1.94 19.85
CA LEU A 155 -4.08 -1.72 20.67
C LEU A 155 -4.46 -3.03 21.35
N ASN A 156 -4.38 -3.06 22.67
CA ASN A 156 -4.60 -4.26 23.45
C ASN A 156 -5.73 -4.04 24.44
N ALA A 157 -6.59 -5.04 24.55
CA ALA A 157 -7.61 -5.08 25.61
C ALA A 157 -7.30 -6.33 26.42
N GLY A 158 -6.76 -6.13 27.63
CA GLY A 158 -6.18 -7.25 28.33
C GLY A 158 -5.02 -7.79 27.53
N THR A 159 -4.97 -9.11 27.36
CA THR A 159 -3.95 -9.75 26.54
C THR A 159 -4.33 -9.84 25.06
N ARG A 160 -5.51 -9.36 24.67
CA ARG A 160 -6.03 -9.56 23.33
C ARG A 160 -5.66 -8.36 22.45
N VAL A 161 -4.85 -8.61 21.42
N VAL A 161 -4.84 -8.59 21.43
CA VAL A 161 -4.51 -7.56 20.46
CA VAL A 161 -4.51 -7.49 20.51
C VAL A 161 -5.71 -7.30 19.55
C VAL A 161 -5.67 -7.29 19.55
N LEU A 162 -6.06 -6.03 19.36
CA LEU A 162 -7.16 -5.65 18.50
C LEU A 162 -6.63 -5.11 17.18
N GLU A 163 -7.54 -4.87 16.24
CA GLU A 163 -7.18 -4.24 14.97
C GLU A 163 -6.61 -2.85 15.19
N ASN A 164 -5.63 -2.48 14.37
CA ASN A 164 -5.18 -1.10 14.28
C ASN A 164 -6.32 -0.21 13.80
N ALA A 165 -6.22 1.09 14.07
CA ALA A 165 -7.26 2.01 13.64
C ALA A 165 -6.68 3.36 13.30
N LEU A 166 -7.23 3.98 12.27
CA LEU A 166 -6.94 5.37 11.93
C LEU A 166 -8.13 6.19 12.43
N VAL A 167 -7.90 7.03 13.43
CA VAL A 167 -8.97 7.77 14.08
C VAL A 167 -8.95 9.20 13.55
N PRO A 168 -9.98 9.65 12.86
CA PRO A 168 -9.93 10.96 12.23
C PRO A 168 -9.97 12.06 13.28
N PRO A 169 -9.46 13.24 12.96
CA PRO A 169 -9.50 14.35 13.93
C PRO A 169 -10.94 14.72 14.26
N MET A 170 -11.17 15.02 15.54
N MET A 170 -11.19 14.99 15.54
CA MET A 170 -12.50 15.34 16.05
CA MET A 170 -12.52 15.36 16.00
C MET A 170 -13.52 14.30 15.58
C MET A 170 -13.54 14.29 15.65
N GLY A 171 -13.11 13.04 15.58
CA GLY A 171 -13.98 11.97 15.13
C GLY A 171 -13.73 10.68 15.88
N GLU A 172 -14.20 9.57 15.32
CA GLU A 172 -14.25 8.29 16.03
C GLU A 172 -14.00 7.15 15.07
N SER A 173 -13.58 6.01 15.62
CA SER A 173 -13.38 4.82 14.82
C SER A 173 -13.70 3.64 15.71
N THR A 174 -14.29 2.59 15.16
CA THR A 174 -14.72 1.46 15.96
C THR A 174 -14.01 0.19 15.52
N VAL A 175 -13.61 -0.65 16.49
CA VAL A 175 -13.03 -1.94 16.21
C VAL A 175 -13.82 -2.99 17.00
N LYS A 176 -13.71 -4.23 16.54
CA LYS A 176 -14.37 -5.34 17.20
C LYS A 176 -13.62 -5.74 18.46
N LEU A 177 -14.38 -6.16 19.48
CA LEU A 177 -13.85 -6.75 20.70
C LEU A 177 -14.11 -8.25 20.71
N PRO A 178 -13.08 -9.10 20.62
CA PRO A 178 -13.30 -10.54 20.79
C PRO A 178 -13.85 -10.86 22.18
N SER A 179 -14.39 -12.08 22.31
CA SER A 179 -15.01 -12.50 23.55
C SER A 179 -14.06 -12.37 24.74
N ASP A 180 -12.77 -12.67 24.53
CA ASP A 180 -11.83 -12.72 25.65
C ASP A 180 -11.12 -11.39 25.90
N ALA A 181 -11.59 -10.29 25.31
CA ALA A 181 -10.94 -9.01 25.53
C ALA A 181 -11.03 -8.60 26.99
N GLY A 182 -9.88 -8.21 27.57
CA GLY A 182 -9.84 -7.78 28.96
C GLY A 182 -10.18 -6.31 29.13
N SER A 183 -10.17 -5.87 30.38
CA SER A 183 -10.63 -4.52 30.69
C SER A 183 -9.53 -3.45 30.68
N ASN A 184 -8.27 -3.83 30.80
N ASN A 184 -8.26 -3.86 30.78
CA ASN A 184 -7.19 -2.85 30.74
CA ASN A 184 -7.14 -2.92 30.74
C ASN A 184 -6.77 -2.65 29.30
C ASN A 184 -6.75 -2.66 29.29
N ILE A 185 -6.91 -1.42 28.82
CA ILE A 185 -6.59 -1.05 27.44
C ILE A 185 -5.21 -0.41 27.41
N THR A 186 -4.38 -0.82 26.44
CA THR A 186 -3.15 -0.08 26.15
C THR A 186 -3.04 0.13 24.65
N TYR A 187 -2.24 1.13 24.27
CA TYR A 187 -2.08 1.44 22.85
C TYR A 187 -0.79 2.23 22.66
N ARG A 188 -0.37 2.29 21.40
CA ARG A 188 0.65 3.21 20.92
C ARG A 188 0.11 3.90 19.68
N THR A 189 0.88 4.88 19.17
CA THR A 189 0.56 5.53 17.90
C THR A 189 1.81 5.60 17.05
N ILE A 190 1.64 5.90 15.76
CA ILE A 190 2.75 6.22 14.87
C ILE A 190 2.78 7.74 14.75
N ASN A 191 3.92 8.36 15.07
CA ASN A 191 3.97 9.83 15.14
C ASN A 191 4.36 10.45 13.80
N ASP A 192 4.59 11.77 13.83
CA ASP A 192 4.92 12.52 12.62
C ASP A 192 6.15 12.00 11.92
N TYR A 193 7.04 11.34 12.66
CA TYR A 193 8.32 10.89 12.14
C TYR A 193 8.32 9.39 11.87
N GLY A 194 7.15 8.77 11.87
CA GLY A 194 7.03 7.36 11.59
C GLY A 194 7.43 6.46 12.74
N ALA A 195 7.58 7.01 13.93
CA ALA A 195 8.06 6.24 15.08
C ALA A 195 6.89 5.82 15.97
N LEU A 196 7.08 4.68 16.67
CA LEU A 196 6.11 4.28 17.68
C LEU A 196 6.25 5.14 18.93
N THR A 197 5.12 5.65 19.43
CA THR A 197 5.12 6.45 20.65
C THR A 197 5.03 5.53 21.87
N PRO A 198 5.25 6.06 23.08
CA PRO A 198 5.27 5.18 24.26
C PRO A 198 3.94 4.48 24.48
N LYS A 199 4.00 3.31 25.10
CA LYS A 199 2.77 2.63 25.48
C LYS A 199 1.99 3.51 26.43
N MET A 200 0.70 3.69 26.13
CA MET A 200 -0.18 4.48 26.97
C MET A 200 -1.35 3.63 27.42
N THR A 201 -1.90 3.97 28.59
CA THR A 201 -3.08 3.31 29.12
C THR A 201 -4.33 3.98 28.57
N GLY A 202 -5.29 3.18 28.12
CA GLY A 202 -6.52 3.72 27.58
C GLY A 202 -7.42 4.25 28.68
N VAL A 203 -7.93 5.45 28.49
CA VAL A 203 -8.81 6.13 29.43
C VAL A 203 -10.22 6.13 28.84
N MET A 204 -11.21 5.72 29.65
CA MET A 204 -12.58 5.66 29.15
C MET A 204 -13.17 7.06 29.06
N GLU A 205 -14.06 7.23 28.08
CA GLU A 205 -14.77 8.49 27.89
C GLU A 205 -15.54 8.87 29.15
N HIS A 206 -15.56 10.17 29.45
CA HIS A 206 -16.33 10.72 30.58
C HIS A 206 -16.01 10.02 31.91
N ALA B 1 11.00 7.66 9.39
CA ALA B 1 11.38 6.31 8.98
C ALA B 1 11.29 6.18 7.49
N GLU B 2 12.20 5.44 6.87
CA GLU B 2 12.10 5.23 5.43
C GLU B 2 11.10 4.11 5.11
N THR B 3 10.51 4.19 3.92
CA THR B 3 9.72 3.05 3.46
C THR B 3 10.65 1.92 3.04
N CYS B 4 10.05 0.76 2.78
CA CYS B 4 10.84 -0.40 2.44
C CYS B 4 11.31 -0.34 0.98
N ARG B 5 12.55 -0.77 0.77
CA ARG B 5 13.10 -0.92 -0.56
C ARG B 5 12.59 -2.22 -1.16
N ILE B 6 11.80 -2.13 -2.22
CA ILE B 6 11.06 -3.28 -2.73
C ILE B 6 11.86 -3.93 -3.85
N GLU B 7 12.13 -5.23 -3.71
CA GLU B 7 12.80 -5.99 -4.76
C GLU B 7 12.05 -7.29 -4.99
N ALA B 8 12.05 -7.75 -6.25
CA ALA B 8 11.33 -8.96 -6.63
C ALA B 8 12.28 -10.13 -6.87
N GLY B 9 12.01 -10.91 -7.92
CA GLY B 9 12.88 -12.00 -8.30
C GLY B 9 14.10 -11.53 -9.05
N ASP B 10 13.90 -11.10 -10.30
CA ASP B 10 14.97 -10.48 -11.07
C ASP B 10 14.82 -8.96 -11.03
N LYS B 11 15.89 -8.27 -11.47
CA LYS B 11 15.93 -6.82 -11.38
C LYS B 11 14.84 -6.17 -12.22
N GLN B 12 14.35 -6.86 -13.26
CA GLN B 12 13.29 -6.31 -14.11
C GLN B 12 11.90 -6.55 -13.53
N MET B 13 11.80 -7.26 -12.40
CA MET B 13 10.52 -7.57 -11.74
C MET B 13 9.56 -8.29 -12.68
N THR B 14 10.11 -9.23 -13.44
CA THR B 14 9.36 -10.04 -14.39
C THR B 14 9.23 -11.45 -13.84
N VAL B 15 8.00 -11.97 -13.78
CA VAL B 15 7.74 -13.34 -13.37
C VAL B 15 7.52 -14.18 -14.62
N ASN B 16 8.38 -15.17 -14.82
CA ASN B 16 8.27 -16.08 -15.96
C ASN B 16 7.11 -17.05 -15.74
N MET B 17 6.12 -17.01 -16.63
CA MET B 17 4.91 -17.82 -16.48
C MET B 17 4.91 -19.10 -17.30
N GLY B 18 5.92 -19.33 -18.14
CA GLY B 18 5.93 -20.56 -18.92
C GLY B 18 5.16 -20.44 -20.22
N GLN B 19 4.54 -21.54 -20.63
CA GLN B 19 3.79 -21.63 -21.88
C GLN B 19 2.39 -22.19 -21.63
N ILE B 20 1.44 -21.75 -22.43
CA ILE B 20 0.04 -22.19 -22.33
C ILE B 20 -0.13 -23.46 -23.16
N SER B 21 -0.65 -24.51 -22.53
CA SER B 21 -1.12 -25.71 -23.21
C SER B 21 -2.64 -25.71 -23.10
N SER B 22 -3.30 -25.20 -24.14
CA SER B 22 -4.73 -24.91 -24.06
C SER B 22 -5.56 -26.15 -23.82
N ASN B 23 -5.14 -27.31 -24.33
CA ASN B 23 -5.96 -28.51 -24.15
C ASN B 23 -5.91 -29.06 -22.73
N ARG B 24 -5.12 -28.48 -21.83
CA ARG B 24 -5.10 -28.95 -20.45
C ARG B 24 -6.21 -28.36 -19.60
N PHE B 25 -6.83 -27.26 -20.02
CA PHE B 25 -7.94 -26.66 -19.30
C PHE B 25 -9.25 -27.29 -19.76
N HIS B 26 -10.05 -27.75 -18.81
CA HIS B 26 -11.28 -28.46 -19.13
C HIS B 26 -12.53 -27.89 -18.48
N ALA B 27 -12.39 -26.99 -17.51
CA ALA B 27 -13.53 -26.36 -16.87
C ALA B 27 -13.16 -24.95 -16.46
N VAL B 28 -14.17 -24.07 -16.44
CA VAL B 28 -13.97 -22.73 -15.89
C VAL B 28 -13.51 -22.86 -14.46
N GLY B 29 -12.46 -22.10 -14.10
CA GLY B 29 -11.90 -22.13 -12.76
C GLY B 29 -10.70 -23.03 -12.61
N GLU B 30 -10.41 -23.87 -13.60
CA GLU B 30 -9.24 -24.74 -13.52
C GLU B 30 -7.96 -23.92 -13.59
N ASP B 31 -6.98 -24.29 -12.78
CA ASP B 31 -5.72 -23.57 -12.69
C ASP B 31 -4.59 -24.41 -13.27
N SER B 32 -3.64 -23.72 -13.89
CA SER B 32 -2.42 -24.34 -14.39
C SER B 32 -1.43 -24.51 -13.23
N ALA B 33 -0.18 -24.84 -13.58
CA ALA B 33 0.84 -25.08 -12.57
C ALA B 33 1.15 -23.82 -11.77
N PRO B 34 1.51 -23.96 -10.50
CA PRO B 34 1.83 -22.78 -9.70
C PRO B 34 3.17 -22.18 -10.13
N VAL B 35 3.20 -20.85 -10.15
CA VAL B 35 4.42 -20.10 -10.43
C VAL B 35 4.72 -19.23 -9.23
N PRO B 36 5.64 -19.65 -8.36
CA PRO B 36 5.95 -18.86 -7.16
C PRO B 36 6.79 -17.63 -7.48
N PHE B 37 6.53 -16.56 -6.73
CA PHE B 37 7.40 -15.39 -6.78
C PHE B 37 7.41 -14.74 -5.41
N VAL B 38 8.47 -13.99 -5.13
CA VAL B 38 8.68 -13.39 -3.82
C VAL B 38 8.96 -11.90 -4.00
N ILE B 39 8.41 -11.11 -3.09
CA ILE B 39 8.66 -9.69 -3.04
C ILE B 39 9.31 -9.41 -1.69
N HIS B 40 10.51 -8.82 -1.72
CA HIS B 40 11.28 -8.57 -0.52
C HIS B 40 11.10 -7.12 -0.09
N LEU B 41 11.00 -6.91 1.22
CA LEU B 41 10.88 -5.58 1.81
C LEU B 41 12.20 -5.31 2.54
N ARG B 42 13.07 -4.52 1.93
CA ARG B 42 14.44 -4.41 2.41
C ARG B 42 14.72 -3.07 3.04
N GLU B 43 15.69 -3.05 3.96
CA GLU B 43 16.25 -1.82 4.54
C GLU B 43 15.17 -0.94 5.16
N CYS B 44 14.24 -1.56 5.89
CA CYS B 44 13.27 -0.76 6.63
C CYS B 44 13.08 -1.40 8.00
N SER B 45 12.70 -0.56 8.96
CA SER B 45 12.43 -1.02 10.31
C SER B 45 11.27 -2.02 10.31
N THR B 46 11.33 -3.00 11.24
CA THR B 46 10.17 -3.86 11.41
C THR B 46 8.93 -3.07 11.83
N VAL B 47 9.11 -1.89 12.46
CA VAL B 47 7.98 -1.03 12.77
C VAL B 47 7.21 -0.70 11.50
N VAL B 48 7.94 -0.56 10.39
CA VAL B 48 7.35 -0.21 9.11
C VAL B 48 6.86 -1.45 8.36
N SER B 49 7.70 -2.49 8.26
CA SER B 49 7.32 -3.61 7.42
C SER B 49 6.17 -4.41 8.01
N GLU B 50 5.98 -4.37 9.33
CA GLU B 50 4.84 -5.02 9.96
C GLU B 50 3.53 -4.25 9.77
N ARG B 51 3.57 -3.07 9.17
CA ARG B 51 2.43 -2.16 9.11
C ARG B 51 2.18 -1.69 7.70
N VAL B 52 2.30 -2.59 6.76
CA VAL B 52 2.08 -2.23 5.37
C VAL B 52 1.00 -3.16 4.83
N GLY B 53 0.06 -2.59 4.08
CA GLY B 53 -0.97 -3.36 3.41
C GLY B 53 -0.65 -3.48 1.93
N VAL B 54 -1.00 -4.60 1.32
CA VAL B 54 -0.61 -4.80 -0.07
C VAL B 54 -1.82 -5.13 -0.93
N ALA B 55 -1.70 -4.80 -2.22
CA ALA B 55 -2.75 -5.03 -3.20
C ALA B 55 -2.10 -5.17 -4.57
N PHE B 56 -2.77 -5.90 -5.46
CA PHE B 56 -2.36 -6.00 -6.86
C PHE B 56 -3.42 -5.31 -7.70
N HIS B 57 -2.99 -4.41 -8.57
CA HIS B 57 -3.90 -3.68 -9.45
C HIS B 57 -3.60 -4.02 -10.90
N GLY B 58 -4.66 -4.15 -11.69
CA GLY B 58 -4.46 -4.32 -13.12
C GLY B 58 -5.79 -4.41 -13.83
N VAL B 59 -5.71 -4.54 -15.16
CA VAL B 59 -6.91 -4.74 -15.96
C VAL B 59 -7.41 -6.16 -15.72
N ALA B 60 -8.65 -6.28 -15.29
CA ALA B 60 -9.23 -7.58 -14.97
C ALA B 60 -9.68 -8.29 -16.23
N ASP B 61 -9.66 -9.62 -16.18
CA ASP B 61 -10.29 -10.41 -17.23
C ASP B 61 -11.75 -10.01 -17.37
N GLY B 62 -12.24 -9.98 -18.61
CA GLY B 62 -13.59 -9.53 -18.86
C GLY B 62 -14.68 -10.41 -18.30
N LYS B 63 -14.37 -11.68 -18.02
CA LYS B 63 -15.34 -12.60 -17.43
C LYS B 63 -15.13 -12.83 -15.94
N ASN B 64 -13.94 -12.56 -15.42
CA ASN B 64 -13.60 -12.83 -14.03
C ASN B 64 -12.86 -11.63 -13.47
N PRO B 65 -13.55 -10.74 -12.73
CA PRO B 65 -12.91 -9.50 -12.28
C PRO B 65 -11.81 -9.69 -11.26
N ASP B 66 -11.63 -10.90 -10.74
CA ASP B 66 -10.65 -11.17 -9.69
C ASP B 66 -9.27 -11.53 -10.22
N VAL B 67 -9.13 -11.76 -11.52
CA VAL B 67 -7.87 -12.21 -12.11
C VAL B 67 -7.48 -11.24 -13.22
N LEU B 68 -6.18 -11.23 -13.52
CA LEU B 68 -5.62 -10.30 -14.50
C LEU B 68 -5.94 -10.75 -15.92
N SER B 69 -6.24 -9.77 -16.77
CA SER B 69 -6.45 -10.01 -18.20
C SER B 69 -5.11 -10.28 -18.89
N VAL B 70 -5.12 -11.17 -19.87
CA VAL B 70 -3.96 -11.35 -20.73
C VAL B 70 -4.08 -10.56 -22.03
N GLY B 71 -5.07 -9.68 -22.12
CA GLY B 71 -5.24 -8.88 -23.31
C GLY B 71 -6.10 -9.57 -24.36
N GLU B 72 -6.11 -8.97 -25.55
CA GLU B 72 -6.83 -9.51 -26.70
C GLU B 72 -6.05 -9.15 -27.96
N GLY B 73 -6.22 -9.96 -29.00
CA GLY B 73 -5.61 -9.66 -30.26
C GLY B 73 -5.15 -10.90 -31.00
N PRO B 74 -4.56 -10.71 -32.18
CA PRO B 74 -4.08 -11.86 -32.96
C PRO B 74 -2.95 -12.57 -32.23
N GLY B 75 -3.06 -13.89 -32.15
CA GLY B 75 -2.04 -14.68 -31.50
C GLY B 75 -2.05 -14.61 -30.00
N ILE B 76 -3.06 -13.98 -29.40
CA ILE B 76 -3.20 -13.85 -27.95
C ILE B 76 -4.14 -14.95 -27.47
N ALA B 77 -3.77 -15.60 -26.37
CA ALA B 77 -4.62 -16.64 -25.79
C ALA B 77 -5.94 -16.06 -25.33
N THR B 78 -6.98 -16.90 -25.30
CA THR B 78 -8.29 -16.47 -24.86
C THR B 78 -8.80 -17.34 -23.73
N ASN B 79 -9.66 -16.75 -22.89
CA ASN B 79 -10.42 -17.46 -21.86
C ASN B 79 -9.53 -17.98 -20.74
N ILE B 80 -8.39 -17.34 -20.52
CA ILE B 80 -7.61 -17.51 -19.31
C ILE B 80 -7.19 -16.15 -18.80
N GLY B 81 -7.09 -16.04 -17.47
CA GLY B 81 -6.49 -14.91 -16.82
C GLY B 81 -5.36 -15.37 -15.91
N VAL B 82 -4.68 -14.40 -15.31
CA VAL B 82 -3.63 -14.69 -14.35
C VAL B 82 -4.19 -14.45 -12.96
N ALA B 83 -4.29 -15.52 -12.18
CA ALA B 83 -4.76 -15.48 -10.80
C ALA B 83 -3.57 -15.43 -9.85
N LEU B 84 -3.75 -14.71 -8.74
CA LEU B 84 -2.71 -14.54 -7.74
C LEU B 84 -3.15 -15.16 -6.43
N PHE B 85 -2.20 -15.78 -5.72
CA PHE B 85 -2.49 -16.47 -4.48
C PHE B 85 -1.44 -16.10 -3.44
N ASP B 86 -1.84 -16.11 -2.16
CA ASP B 86 -0.86 -15.98 -1.09
C ASP B 86 -0.21 -17.35 -0.84
N ASP B 87 0.70 -17.41 0.12
CA ASP B 87 1.43 -18.66 0.35
C ASP B 87 0.60 -19.71 1.08
N GLU B 88 -0.69 -19.46 1.30
CA GLU B 88 -1.60 -20.45 1.88
C GLU B 88 -2.69 -20.87 0.90
N GLY B 89 -2.44 -20.70 -0.40
CA GLY B 89 -3.39 -21.11 -1.41
C GLY B 89 -4.62 -20.24 -1.53
N ASN B 90 -4.69 -19.13 -0.80
CA ASN B 90 -5.83 -18.24 -0.86
C ASN B 90 -5.68 -17.26 -2.01
N LEU B 91 -6.73 -17.12 -2.81
CA LEU B 91 -6.72 -16.16 -3.91
C LEU B 91 -6.56 -14.75 -3.37
N VAL B 92 -5.76 -13.95 -4.05
CA VAL B 92 -5.65 -12.53 -3.75
C VAL B 92 -6.32 -11.78 -4.89
N PRO B 93 -7.63 -11.53 -4.82
CA PRO B 93 -8.29 -10.83 -5.92
C PRO B 93 -7.66 -9.47 -6.16
N ILE B 94 -7.52 -9.13 -7.45
CA ILE B 94 -6.92 -7.87 -7.82
C ILE B 94 -7.89 -6.72 -7.57
N ASN B 95 -7.35 -5.52 -7.50
CA ASN B 95 -8.14 -4.29 -7.40
C ASN B 95 -8.98 -4.26 -6.12
N ARG B 96 -8.42 -4.77 -5.03
CA ARG B 96 -9.04 -4.82 -3.72
C ARG B 96 -8.31 -3.89 -2.76
N PRO B 97 -8.91 -3.59 -1.61
CA PRO B 97 -8.24 -2.75 -0.61
C PRO B 97 -7.00 -3.42 -0.06
N PRO B 98 -6.05 -2.64 0.48
CA PRO B 98 -4.82 -3.23 1.02
C PRO B 98 -5.11 -4.33 2.03
N ALA B 99 -4.28 -5.37 2.00
CA ALA B 99 -4.46 -6.55 2.84
C ALA B 99 -3.18 -6.81 3.62
N ASN B 100 -3.33 -7.38 4.82
CA ASN B 100 -2.24 -7.59 5.76
C ASN B 100 -2.06 -9.06 6.10
N TRP B 101 -0.85 -9.40 6.53
CA TRP B 101 -0.51 -10.77 6.94
C TRP B 101 0.34 -10.75 8.20
N LYS B 102 0.42 -11.91 8.85
CA LYS B 102 1.28 -12.10 10.02
C LYS B 102 1.61 -13.58 10.20
N SER B 108 8.88 -11.01 9.56
CA SER B 108 9.22 -11.42 8.21
C SER B 108 9.19 -10.25 7.22
N THR B 109 10.09 -10.30 6.24
CA THR B 109 10.21 -9.24 5.24
C THR B 109 10.17 -9.80 3.82
N SER B 110 9.68 -11.02 3.64
CA SER B 110 9.55 -11.60 2.31
C SER B 110 8.13 -12.10 2.15
N LEU B 111 7.43 -11.55 1.17
CA LEU B 111 6.06 -11.94 0.87
C LEU B 111 6.11 -12.93 -0.28
N HIS B 112 5.60 -14.14 -0.04
CA HIS B 112 5.60 -15.19 -1.05
C HIS B 112 4.23 -15.31 -1.68
N PHE B 113 4.18 -15.24 -3.00
CA PHE B 113 2.94 -15.33 -3.75
C PHE B 113 3.06 -16.44 -4.78
N ILE B 114 1.91 -16.80 -5.35
CA ILE B 114 1.81 -17.78 -6.42
C ILE B 114 0.95 -17.19 -7.54
N ALA B 115 1.42 -17.32 -8.78
CA ALA B 115 0.63 -16.99 -9.96
C ALA B 115 0.24 -18.27 -10.69
N LYS B 116 -0.99 -18.32 -11.17
CA LYS B 116 -1.44 -19.41 -12.04
C LYS B 116 -2.34 -18.84 -13.13
N TYR B 117 -2.39 -19.54 -14.25
CA TYR B 117 -3.41 -19.27 -15.25
C TYR B 117 -4.71 -19.94 -14.83
N ARG B 118 -5.79 -19.17 -14.79
CA ARG B 118 -7.10 -19.68 -14.41
C ARG B 118 -8.04 -19.55 -15.60
N ALA B 119 -8.73 -20.64 -15.92
CA ALA B 119 -9.68 -20.62 -17.02
C ALA B 119 -10.86 -19.72 -16.66
N THR B 120 -11.11 -18.72 -17.49
CA THR B 120 -12.24 -17.83 -17.30
C THR B 120 -13.39 -18.10 -18.26
N GLY B 121 -13.18 -18.96 -19.26
CA GLY B 121 -14.22 -19.29 -20.21
C GLY B 121 -14.18 -20.77 -20.52
N ARG B 122 -15.20 -21.21 -21.27
CA ARG B 122 -15.40 -22.64 -21.49
C ARG B 122 -14.28 -23.23 -22.36
N ARG B 123 -13.99 -22.61 -23.49
CA ARG B 123 -13.02 -23.13 -24.45
C ARG B 123 -11.80 -22.21 -24.49
N VAL B 124 -10.71 -22.63 -23.86
CA VAL B 124 -9.46 -21.88 -23.85
C VAL B 124 -8.72 -22.10 -25.16
N THR B 125 -8.14 -21.04 -25.71
CA THR B 125 -7.31 -21.14 -26.91
C THR B 125 -5.89 -20.69 -26.59
N GLY B 126 -4.92 -21.27 -27.30
CA GLY B 126 -3.54 -20.97 -27.05
C GLY B 126 -3.08 -19.66 -27.68
N GLY B 127 -1.86 -19.31 -27.37
CA GLY B 127 -1.24 -18.09 -27.84
C GLY B 127 -0.45 -17.46 -26.71
N ILE B 128 0.01 -16.24 -26.95
CA ILE B 128 0.79 -15.52 -25.95
C ILE B 128 -0.14 -15.06 -24.82
N ALA B 129 0.34 -15.17 -23.56
CA ALA B 129 -0.49 -14.93 -22.39
C ALA B 129 0.32 -14.12 -21.36
N ASN B 130 0.56 -12.86 -21.69
CA ASN B 130 1.27 -11.93 -20.82
C ASN B 130 0.28 -11.14 -19.98
N ALA B 131 0.73 -10.75 -18.79
CA ALA B 131 -0.09 -9.92 -17.92
C ALA B 131 0.78 -8.86 -17.28
N GLN B 132 0.14 -7.79 -16.81
CA GLN B 132 0.79 -6.67 -16.15
C GLN B 132 0.04 -6.34 -14.87
N ALA B 133 0.77 -6.04 -13.81
CA ALA B 133 0.11 -5.62 -12.58
C ALA B 133 0.99 -4.61 -11.84
N TRP B 134 0.34 -3.82 -11.02
CA TRP B 134 1.02 -2.94 -10.08
C TRP B 134 0.84 -3.52 -8.69
N PHE B 135 1.95 -3.70 -7.99
CA PHE B 135 1.93 -4.14 -6.59
C PHE B 135 2.04 -2.90 -5.73
N SER B 136 0.98 -2.58 -4.99
N SER B 136 0.98 -2.57 -4.99
CA SER B 136 0.92 -1.38 -4.17
CA SER B 136 0.95 -1.37 -4.18
C SER B 136 1.13 -1.72 -2.70
C SER B 136 1.14 -1.72 -2.71
N LEU B 137 2.00 -0.96 -2.03
CA LEU B 137 2.21 -1.09 -0.60
C LEU B 137 1.67 0.18 0.05
N THR B 138 0.69 0.04 0.94
CA THR B 138 0.08 1.18 1.61
C THR B 138 0.56 1.18 3.06
N TYR B 139 1.30 2.22 3.42
CA TYR B 139 1.95 2.30 4.73
C TYR B 139 1.00 2.91 5.76
N GLN B 140 0.92 2.29 6.92
CA GLN B 140 0.25 2.93 8.07
C GLN B 140 1.05 4.13 8.58
#